data_4EEW
#
_entry.id   4EEW
#
_cell.length_a   30.572
_cell.length_b   43.193
_cell.length_c   51.734
_cell.angle_alpha   90.00
_cell.angle_beta   104.33
_cell.angle_gamma   90.00
#
_symmetry.space_group_name_H-M   'P 1 21 1'
#
loop_
_entity.id
_entity.type
_entity.pdbx_description
1 polymer 'Large proline-rich protein BAG6'
2 water water
#
_entity_poly.entity_id   1
_entity_poly.type   'polypeptide(L)'
_entity_poly.pdbx_seq_one_letter_code
;GMEPNDSTSTAVEEPDSLEVLVKTLDSQTRTFIVGAQMNVKEFKEHIAASVSIPSEKQRLIYQGRVLQDDKKLQEYNVGG
KVIHLVER
;
_entity_poly.pdbx_strand_id   A,B
#
# COMPACT_ATOMS: atom_id res chain seq x y z
N PRO A 15 -7.21 3.47 -25.96
CA PRO A 15 -6.03 2.87 -26.58
C PRO A 15 -5.59 1.59 -25.89
N ASP A 16 -4.73 0.83 -26.56
CA ASP A 16 -4.26 -0.46 -26.04
C ASP A 16 -3.12 -0.29 -25.04
N SER A 17 -2.48 0.87 -25.07
CA SER A 17 -1.32 1.12 -24.22
C SER A 17 -1.34 2.51 -23.59
N LEU A 18 -0.58 2.63 -22.50
CA LEU A 18 -0.47 3.86 -21.72
CA LEU A 18 -0.46 3.86 -21.73
C LEU A 18 0.98 4.36 -21.69
N GLU A 19 1.16 5.67 -21.81
CA GLU A 19 2.45 6.33 -21.58
C GLU A 19 2.47 6.74 -20.12
N VAL A 20 3.50 6.33 -19.38
CA VAL A 20 3.59 6.67 -17.96
C VAL A 20 5.01 7.15 -17.66
N LEU A 21 5.11 8.36 -17.11
CA LEU A 21 6.42 8.91 -16.72
C LEU A 21 6.66 8.65 -15.25
N VAL A 22 7.90 8.31 -14.90
CA VAL A 22 8.25 8.05 -13.50
C VAL A 22 9.44 8.89 -13.11
N LYS A 23 9.23 9.76 -12.12
CA LYS A 23 10.29 10.59 -11.57
C LYS A 23 10.71 10.10 -10.20
N THR A 24 12.01 9.90 -10.03
CA THR A 24 12.58 9.48 -8.76
C THR A 24 13.09 10.70 -7.99
N LEU A 25 13.41 10.53 -6.71
CA LEU A 25 13.80 11.66 -5.85
C LEU A 25 15.14 12.28 -6.23
N ASP A 26 15.89 11.60 -7.10
CA ASP A 26 17.18 12.06 -7.64
C ASP A 26 17.03 12.82 -8.96
N SER A 27 15.79 13.14 -9.30
CA SER A 27 15.45 13.95 -10.49
C SER A 27 15.60 13.25 -11.83
N GLN A 28 15.64 11.92 -11.84
CA GLN A 28 15.61 11.18 -13.09
C GLN A 28 14.15 10.97 -13.50
N THR A 29 13.82 11.22 -14.76
CA THR A 29 12.47 10.93 -15.27
C THR A 29 12.56 10.01 -16.46
N ARG A 30 11.90 8.85 -16.34
CA ARG A 30 11.89 7.85 -17.41
C ARG A 30 10.46 7.64 -17.90
N THR A 31 10.34 7.39 -19.21
CA THR A 31 9.03 7.22 -19.83
C THR A 31 8.85 5.76 -20.22
N PHE A 32 7.74 5.17 -19.76
CA PHE A 32 7.40 3.78 -20.06
C PHE A 32 6.14 3.69 -20.89
N ILE A 33 6.04 2.63 -21.68
CA ILE A 33 4.84 2.38 -22.47
C ILE A 33 4.39 0.98 -22.12
N VAL A 34 3.20 0.86 -21.54
CA VAL A 34 2.74 -0.42 -20.99
C VAL A 34 1.32 -0.73 -21.44
N GLY A 35 0.92 -2.00 -21.37
CA GLY A 35 -0.45 -2.40 -21.68
C GLY A 35 -1.43 -1.62 -20.83
N ALA A 36 -2.54 -1.19 -21.43
CA ALA A 36 -3.43 -0.25 -20.75
C ALA A 36 -4.19 -0.86 -19.56
N GLN A 37 -4.16 -2.18 -19.43
CA GLN A 37 -4.82 -2.81 -18.28
C GLN A 37 -3.83 -3.26 -17.19
N MET A 38 -2.56 -2.89 -17.34
CA MET A 38 -1.55 -3.25 -16.35
C MET A 38 -1.88 -2.70 -14.97
N ASN A 39 -1.69 -3.52 -13.93
CA ASN A 39 -1.92 -3.04 -12.58
C ASN A 39 -0.66 -2.47 -11.94
N VAL A 40 -0.80 -1.91 -10.76
CA VAL A 40 0.31 -1.22 -10.09
C VAL A 40 1.46 -2.16 -9.71
N LYS A 41 1.13 -3.34 -9.16
CA LYS A 41 2.14 -4.34 -8.85
C LYS A 41 2.98 -4.69 -10.08
N GLU A 42 2.30 -4.91 -11.20
CA GLU A 42 2.96 -5.26 -12.46
C GLU A 42 3.77 -4.09 -13.02
N PHE A 43 3.31 -2.87 -12.81
CA PHE A 43 4.06 -1.71 -13.27
C PHE A 43 5.37 -1.56 -12.48
N LYS A 44 5.29 -1.78 -11.17
CA LYS A 44 6.51 -1.78 -10.36
C LYS A 44 7.51 -2.82 -10.89
N GLU A 45 7.02 -4.00 -11.24
CA GLU A 45 7.87 -5.05 -11.81
C GLU A 45 8.44 -4.63 -13.17
N HIS A 46 7.62 -3.96 -13.98
CA HIS A 46 8.04 -3.48 -15.29
C HIS A 46 9.20 -2.49 -15.21
N ILE A 47 9.13 -1.56 -14.27
CA ILE A 47 10.10 -0.47 -14.18
C ILE A 47 11.31 -0.80 -13.32
N ALA A 48 11.25 -1.90 -12.55
CA ALA A 48 12.24 -2.17 -11.51
C ALA A 48 13.67 -2.12 -12.00
N ALA A 49 13.96 -2.73 -13.16
CA ALA A 49 15.32 -2.76 -13.64
C ALA A 49 15.78 -1.36 -14.07
N SER A 50 14.90 -0.63 -14.74
CA SER A 50 15.19 0.72 -15.23
C SER A 50 15.50 1.70 -14.10
N VAL A 51 14.75 1.58 -13.00
CA VAL A 51 14.86 2.51 -11.87
C VAL A 51 15.77 2.01 -10.76
N SER A 52 16.26 0.77 -10.90
CA SER A 52 17.14 0.14 -9.90
C SER A 52 16.53 0.15 -8.49
N ILE A 53 15.23 -0.12 -8.41
CA ILE A 53 14.57 -0.35 -7.12
C ILE A 53 13.72 -1.62 -7.24
N PRO A 54 14.00 -2.64 -6.40
CA PRO A 54 13.20 -3.86 -6.44
C PRO A 54 11.73 -3.53 -6.27
N SER A 55 10.87 -4.23 -7.00
CA SER A 55 9.44 -3.93 -6.98
C SER A 55 8.84 -3.87 -5.58
N GLU A 56 9.22 -4.80 -4.70
CA GLU A 56 8.66 -4.82 -3.34
C GLU A 56 9.08 -3.61 -2.48
N LYS A 57 10.08 -2.87 -2.95
CA LYS A 57 10.58 -1.69 -2.23
C LYS A 57 10.13 -0.36 -2.84
N GLN A 58 9.22 -0.42 -3.80
CA GLN A 58 8.77 0.80 -4.48
C GLN A 58 7.49 1.33 -3.88
N ARG A 59 7.42 2.64 -3.70
CA ARG A 59 6.18 3.32 -3.36
C ARG A 59 5.94 4.36 -4.46
N LEU A 60 4.78 4.28 -5.11
CA LEU A 60 4.41 5.17 -6.22
C LEU A 60 3.33 6.15 -5.76
N ILE A 61 3.50 7.41 -6.13
CA ILE A 61 2.65 8.50 -5.65
C ILE A 61 2.15 9.32 -6.84
N TYR A 62 0.85 9.60 -6.86
CA TYR A 62 0.27 10.46 -7.89
C TYR A 62 -0.86 11.29 -7.31
N GLN A 63 -0.80 12.61 -7.54
CA GLN A 63 -1.86 13.53 -7.10
C GLN A 63 -2.23 13.33 -5.63
N GLY A 64 -1.21 13.24 -4.79
CA GLY A 64 -1.40 13.18 -3.34
C GLY A 64 -1.63 11.79 -2.75
N ARG A 65 -1.70 10.79 -3.61
CA ARG A 65 -2.08 9.46 -3.14
C ARG A 65 -1.10 8.38 -3.52
N VAL A 66 -1.02 7.38 -2.64
CA VAL A 66 -0.16 6.24 -2.85
C VAL A 66 -0.90 5.22 -3.69
N LEU A 67 -0.31 4.80 -4.80
CA LEU A 67 -0.98 3.86 -5.70
C LEU A 67 -0.97 2.46 -5.10
N GLN A 68 -2.11 1.79 -5.16
CA GLN A 68 -2.28 0.49 -4.53
C GLN A 68 -2.04 -0.65 -5.51
N ASP A 69 -1.36 -1.69 -5.05
CA ASP A 69 -0.86 -2.74 -5.93
C ASP A 69 -1.92 -3.42 -6.76
N ASP A 70 -3.11 -3.61 -6.20
CA ASP A 70 -4.12 -4.38 -6.92
C ASP A 70 -4.91 -3.56 -7.95
N LYS A 71 -4.74 -2.23 -7.93
CA LYS A 71 -5.49 -1.37 -8.84
C LYS A 71 -4.79 -1.23 -10.18
N LYS A 72 -5.56 -0.98 -11.22
CA LYS A 72 -4.99 -0.73 -12.53
C LYS A 72 -4.48 0.70 -12.62
N LEU A 73 -3.37 0.88 -13.34
CA LEU A 73 -2.87 2.22 -13.66
C LEU A 73 -3.96 3.15 -14.20
N GLN A 74 -4.75 2.64 -15.14
CA GLN A 74 -5.85 3.37 -15.80
C GLN A 74 -6.82 4.00 -14.79
N GLU A 75 -7.03 3.32 -13.67
CA GLU A 75 -7.95 3.83 -12.64
C GLU A 75 -7.47 5.14 -12.02
N TYR A 76 -6.16 5.38 -12.07
CA TYR A 76 -5.59 6.63 -11.58
C TYR A 76 -5.47 7.68 -12.70
N ASN A 77 -5.85 7.32 -13.92
CA ASN A 77 -5.79 8.21 -15.08
C ASN A 77 -4.40 8.87 -15.29
N VAL A 78 -3.37 8.03 -15.27
CA VAL A 78 -1.99 8.49 -15.33
C VAL A 78 -1.40 8.58 -16.74
N GLY A 79 -2.19 8.29 -17.77
CA GLY A 79 -1.69 8.33 -19.15
C GLY A 79 -1.09 9.69 -19.49
N GLY A 80 0.17 9.70 -19.90
CA GLY A 80 0.88 10.93 -20.24
C GLY A 80 1.34 11.73 -19.05
N LYS A 81 1.17 11.19 -17.84
CA LYS A 81 1.42 11.92 -16.59
CA LYS A 81 1.45 11.94 -16.62
C LYS A 81 2.66 11.43 -15.85
N VAL A 82 3.17 12.26 -14.95
CA VAL A 82 4.30 11.91 -14.10
C VAL A 82 3.82 11.34 -12.77
N ILE A 83 4.30 10.14 -12.46
CA ILE A 83 4.13 9.46 -11.16
CA ILE A 83 4.12 9.62 -11.12
C ILE A 83 5.47 9.58 -10.41
N HIS A 84 5.44 9.79 -9.11
CA HIS A 84 6.68 9.84 -8.35
C HIS A 84 6.99 8.52 -7.67
N LEU A 85 8.25 8.14 -7.69
CA LEU A 85 8.70 6.87 -7.11
C LEU A 85 9.65 7.13 -5.96
N VAL A 86 9.33 6.57 -4.81
CA VAL A 86 10.22 6.62 -3.66
C VAL A 86 10.53 5.21 -3.21
N GLU A 87 11.74 5.00 -2.68
CA GLU A 87 12.16 3.71 -2.14
CA GLU A 87 12.13 3.69 -2.16
C GLU A 87 11.70 3.56 -0.71
N ARG A 88 11.16 2.37 -0.39
CA ARG A 88 10.73 1.96 0.95
C ARG A 88 9.60 2.80 1.50
N GLU B 14 -21.87 6.14 17.56
CA GLU B 14 -20.91 5.01 17.35
C GLU B 14 -19.96 4.86 18.55
N PRO B 15 -19.33 3.68 18.69
CA PRO B 15 -18.36 3.51 19.78
C PRO B 15 -17.15 4.43 19.60
N ASP B 16 -16.56 4.87 20.72
CA ASP B 16 -15.35 5.67 20.68
C ASP B 16 -14.12 4.89 20.26
N SER B 17 -14.18 3.57 20.46
CA SER B 17 -13.04 2.70 20.24
C SER B 17 -13.43 1.44 19.50
N LEU B 18 -12.42 0.82 18.90
CA LEU B 18 -12.53 -0.39 18.10
CA LEU B 18 -12.56 -0.41 18.13
C LEU B 18 -11.72 -1.52 18.71
N GLU B 19 -12.27 -2.74 18.72
CA GLU B 19 -11.54 -3.97 19.03
C GLU B 19 -11.02 -4.52 17.70
N VAL B 20 -9.71 -4.73 17.61
CA VAL B 20 -9.10 -5.26 16.38
C VAL B 20 -8.16 -6.40 16.73
N LEU B 21 -8.40 -7.56 16.15
CA LEU B 21 -7.53 -8.71 16.37
C LEU B 21 -6.51 -8.79 15.25
N VAL B 22 -5.27 -9.11 15.59
CA VAL B 22 -4.20 -9.24 14.58
C VAL B 22 -3.54 -10.59 14.71
N LYS B 23 -3.57 -11.36 13.62
CA LYS B 23 -2.95 -12.69 13.58
C LYS B 23 -1.74 -12.68 12.65
N THR B 24 -0.60 -13.12 13.18
CA THR B 24 0.63 -13.23 12.40
C THR B 24 0.79 -14.65 11.82
N LEU B 25 1.77 -14.85 10.94
CA LEU B 25 1.92 -16.12 10.23
C LEU B 25 2.46 -17.25 11.08
N ASP B 26 2.92 -16.92 12.30
CA ASP B 26 3.32 -17.91 13.30
C ASP B 26 2.17 -18.19 14.28
N SER B 27 0.97 -17.78 13.89
CA SER B 27 -0.28 -18.07 14.62
C SER B 27 -0.44 -17.37 15.97
N GLN B 28 0.30 -16.29 16.21
CA GLN B 28 0.00 -15.47 17.38
C GLN B 28 -1.17 -14.55 17.02
N THR B 29 -2.18 -14.50 17.88
CA THR B 29 -3.26 -13.52 17.73
C THR B 29 -3.25 -12.61 18.96
N ARG B 30 -3.26 -11.30 18.71
CA ARG B 30 -3.32 -10.29 19.76
C ARG B 30 -4.51 -9.39 19.53
N THR B 31 -5.16 -8.98 20.62
CA THR B 31 -6.31 -8.10 20.55
C THR B 31 -5.93 -6.69 21.01
N PHE B 32 -6.19 -5.71 20.14
CA PHE B 32 -5.91 -4.31 20.42
C PHE B 32 -7.19 -3.52 20.56
N ILE B 33 -7.14 -2.45 21.36
CA ILE B 33 -8.28 -1.54 21.49
C ILE B 33 -7.77 -0.15 21.13
N VAL B 34 -8.32 0.44 20.08
CA VAL B 34 -7.80 1.69 19.51
C VAL B 34 -8.93 2.68 19.25
N GLY B 35 -8.58 3.96 19.12
CA GLY B 35 -9.58 4.97 18.80
C GLY B 35 -10.28 4.62 17.49
N ALA B 36 -11.59 4.85 17.45
CA ALA B 36 -12.38 4.38 16.33
C ALA B 36 -12.12 5.11 15.02
N GLN B 37 -11.43 6.25 15.07
CA GLN B 37 -11.09 6.97 13.84
C GLN B 37 -9.63 6.76 13.42
N MET B 38 -8.92 5.85 14.07
CA MET B 38 -7.52 5.57 13.77
C MET B 38 -7.36 5.10 12.33
N ASN B 39 -6.32 5.57 11.64
CA ASN B 39 -6.05 5.09 10.29
C ASN B 39 -5.07 3.90 10.30
N VAL B 40 -4.88 3.32 9.12
CA VAL B 40 -4.09 2.09 9.00
C VAL B 40 -2.62 2.31 9.36
N LYS B 41 -2.04 3.42 8.90
CA LYS B 41 -0.65 3.76 9.23
C LYS B 41 -0.44 3.84 10.75
N GLU B 42 -1.37 4.52 11.41
CA GLU B 42 -1.31 4.71 12.86
C GLU B 42 -1.49 3.38 13.60
N PHE B 43 -2.33 2.51 13.05
CA PHE B 43 -2.54 1.19 13.64
C PHE B 43 -1.28 0.32 13.55
N LYS B 44 -0.62 0.35 12.39
CA LYS B 44 0.67 -0.32 12.28
C LYS B 44 1.66 0.17 13.34
N GLU B 45 1.69 1.49 13.53
CA GLU B 45 2.56 2.08 14.56
C GLU B 45 2.15 1.63 15.95
N HIS B 46 0.85 1.51 16.19
CA HIS B 46 0.32 1.10 17.48
C HIS B 46 0.76 -0.32 17.86
N ILE B 47 0.70 -1.23 16.89
CA ILE B 47 0.95 -2.64 17.14
C ILE B 47 2.40 -3.08 17.01
N ALA B 48 3.25 -2.21 16.45
CA ALA B 48 4.60 -2.60 16.02
C ALA B 48 5.42 -3.25 17.11
N ALA B 49 5.43 -2.64 18.29
CA ALA B 49 6.23 -3.16 19.41
C ALA B 49 5.72 -4.54 19.84
N SER B 50 4.39 -4.67 19.93
CA SER B 50 3.75 -5.91 20.37
C SER B 50 4.01 -7.08 19.43
N VAL B 51 3.98 -6.81 18.13
CA VAL B 51 4.11 -7.87 17.12
C VAL B 51 5.54 -8.04 16.61
N SER B 52 6.43 -7.14 17.00
CA SER B 52 7.85 -7.22 16.64
C SER B 52 8.05 -7.13 15.12
N ILE B 53 7.22 -6.31 14.47
CA ILE B 53 7.41 -5.98 13.06
C ILE B 53 7.33 -4.47 12.95
N PRO B 54 8.42 -3.82 12.48
CA PRO B 54 8.37 -2.37 12.30
C PRO B 54 7.22 -1.96 11.40
N SER B 55 6.62 -0.82 11.70
CA SER B 55 5.43 -0.35 10.98
C SER B 55 5.61 -0.31 9.46
N GLU B 56 6.74 0.19 8.98
CA GLU B 56 6.95 0.28 7.53
C GLU B 56 7.12 -1.07 6.84
N LYS B 57 7.29 -2.13 7.63
CA LYS B 57 7.45 -3.49 7.09
C LYS B 57 6.19 -4.35 7.24
N GLN B 58 5.09 -3.74 7.69
CA GLN B 58 3.84 -4.47 7.91
C GLN B 58 2.93 -4.39 6.70
N ARG B 59 2.36 -5.53 6.32
CA ARG B 59 1.27 -5.58 5.35
C ARG B 59 0.08 -6.22 6.07
N LEU B 60 -1.01 -5.48 6.13
CA LEU B 60 -2.25 -5.94 6.76
C LEU B 60 -3.29 -6.33 5.72
N ILE B 61 -3.94 -7.47 5.96
CA ILE B 61 -4.87 -8.07 5.00
C ILE B 61 -6.18 -8.41 5.68
N TYR B 62 -7.29 -8.04 5.05
CA TYR B 62 -8.62 -8.40 5.55
C TYR B 62 -9.59 -8.62 4.40
N GLN B 63 -10.26 -9.77 4.42
CA GLN B 63 -11.28 -10.12 3.41
C GLN B 63 -10.78 -9.89 1.98
N GLY B 64 -9.57 -10.37 1.72
CA GLY B 64 -9.00 -10.32 0.37
C GLY B 64 -8.29 -9.03 0.00
N ARG B 65 -8.38 -8.02 0.86
CA ARG B 65 -7.85 -6.70 0.57
C ARG B 65 -6.63 -6.35 1.40
N VAL B 66 -5.68 -5.67 0.77
CA VAL B 66 -4.52 -5.11 1.49
C VAL B 66 -4.95 -3.75 2.01
N LEU B 67 -4.81 -3.53 3.32
CA LEU B 67 -5.27 -2.27 3.91
C LEU B 67 -4.30 -1.15 3.55
N GLN B 68 -4.87 -0.01 3.17
CA GLN B 68 -4.14 1.15 2.67
C GLN B 68 -3.84 2.11 3.82
N ASP B 69 -2.61 2.60 3.90
CA ASP B 69 -2.15 3.41 5.04
C ASP B 69 -3.00 4.65 5.32
N ASP B 70 -3.53 5.28 4.27
CA ASP B 70 -4.24 6.54 4.45
C ASP B 70 -5.70 6.39 4.82
N LYS B 71 -6.21 5.15 4.80
CA LYS B 71 -7.63 4.89 5.10
C LYS B 71 -7.86 4.61 6.57
N LYS B 72 -9.04 4.98 7.05
CA LYS B 72 -9.43 4.61 8.41
C LYS B 72 -9.71 3.11 8.52
N LEU B 73 -9.30 2.51 9.63
CA LEU B 73 -9.71 1.14 9.97
C LEU B 73 -11.21 0.90 9.78
N GLN B 74 -12.01 1.88 10.18
CA GLN B 74 -13.47 1.75 10.13
C GLN B 74 -13.99 1.51 8.72
N GLU B 75 -13.31 2.03 7.71
CA GLU B 75 -13.70 1.83 6.32
C GLU B 75 -13.69 0.35 5.94
N TYR B 76 -12.84 -0.42 6.62
CA TYR B 76 -12.71 -1.85 6.38
C TYR B 76 -13.60 -2.74 7.23
N ASN B 77 -14.36 -2.12 8.14
CA ASN B 77 -15.33 -2.85 8.98
C ASN B 77 -14.66 -3.95 9.82
N VAL B 78 -13.55 -3.61 10.46
CA VAL B 78 -12.73 -4.60 11.17
C VAL B 78 -13.05 -4.74 12.65
N GLY B 79 -14.02 -3.98 13.14
CA GLY B 79 -14.37 -4.03 14.56
C GLY B 79 -14.73 -5.45 14.97
N GLY B 80 -14.02 -5.98 15.95
CA GLY B 80 -14.27 -7.34 16.45
C GLY B 80 -13.72 -8.45 15.55
N LYS B 81 -12.97 -8.09 14.52
CA LYS B 81 -12.54 -9.03 13.49
C LYS B 81 -11.02 -9.28 13.49
N VAL B 82 -10.62 -10.37 12.86
CA VAL B 82 -9.21 -10.73 12.69
C VAL B 82 -8.66 -10.19 11.37
N ILE B 83 -7.61 -9.39 11.50
CA ILE B 83 -6.81 -8.90 10.37
CA ILE B 83 -6.83 -8.91 10.37
C ILE B 83 -5.52 -9.71 10.37
N HIS B 84 -5.05 -10.10 9.19
CA HIS B 84 -3.78 -10.83 9.12
C HIS B 84 -2.62 -9.89 8.85
N LEU B 85 -1.52 -10.14 9.54
CA LEU B 85 -0.31 -9.35 9.39
C LEU B 85 0.81 -10.19 8.80
N VAL B 86 1.42 -9.70 7.72
CA VAL B 86 2.57 -10.33 7.10
C VAL B 86 3.71 -9.33 7.02
N GLU B 87 4.95 -9.80 7.17
CA GLU B 87 6.12 -8.93 7.05
CA GLU B 87 6.10 -8.92 7.05
C GLU B 87 6.56 -8.85 5.60
N ARG B 88 6.68 -7.63 5.09
CA ARG B 88 7.24 -7.34 3.76
C ARG B 88 6.79 -5.97 3.26
#